data_5DWI
#
_entry.id   5DWI
#
_cell.length_a   54.835
_cell.length_b   82.686
_cell.length_c   58.387
_cell.angle_alpha   90.000
_cell.angle_beta   110.420
_cell.angle_gamma   90.000
#
_symmetry.space_group_name_H-M   'P 1 21 1'
#
loop_
_entity.id
_entity.type
_entity.pdbx_description
1 polymer 'Estrogen receptor'
2 polymer 'Nuclear receptor coactivator 2'
3 non-polymer 4-[(E)-[(2-chlorophenyl)imino](4-hydroxyphenyl)methyl]benzene-1,3-diol
4 water water
#
loop_
_entity_poly.entity_id
_entity_poly.type
_entity_poly.pdbx_seq_one_letter_code
_entity_poly.pdbx_strand_id
1 'polypeptide(L)'
;IKRSKKNSLALSLTADQMVSALLDAEPPILYSEYDPTRPFSEASMMGLLTNLADRELVHMINWAKRVPGFVDLTLHDQVH
LLECAWLEILMIGLVWRSMEHPGKLLFAPNLLLDRNQGKCVEGMVEIFDMLLATSSRFRMMNLQGEEFVCLKSIILLNSG
VYTFLSSTLKSLEEKDHIHRVLDKITDTLIHLMAKAGLTLQQQHQRLAQLLLILSHIRHMSNKGMEHLYSMKCKNVVPLS
DLLLEMLDAHRLHAPTS
;
A,B
2 'polypeptide(L)' KHKILHRLLQDSSS C,D
#
loop_
_chem_comp.id
_chem_comp.type
_chem_comp.name
_chem_comp.formula
5G3 non-polymer 4-[(E)-[(2-chlorophenyl)imino](4-hydroxyphenyl)methyl]benzene-1,3-diol 'C19 H14 Cl N O3'
#
# COMPACT_ATOMS: atom_id res chain seq x y z
N SER A 8 19.98 -20.88 -4.83
CA SER A 8 18.89 -20.49 -3.94
C SER A 8 17.79 -21.56 -3.91
N LEU A 9 17.72 -22.29 -2.80
CA LEU A 9 16.80 -23.41 -2.67
C LEU A 9 15.34 -22.98 -2.69
N ALA A 10 15.10 -21.70 -2.45
CA ALA A 10 13.74 -21.16 -2.41
C ALA A 10 13.03 -21.32 -3.75
N LEU A 11 13.79 -21.14 -4.84
CA LEU A 11 13.23 -21.24 -6.19
C LEU A 11 12.94 -22.68 -6.57
N SER A 12 13.57 -23.62 -5.85
CA SER A 12 13.46 -25.03 -6.17
C SER A 12 12.29 -25.70 -5.44
N LEU A 13 11.76 -25.01 -4.43
CA LEU A 13 10.65 -25.55 -3.64
C LEU A 13 9.38 -25.70 -4.47
N THR A 14 8.64 -26.77 -4.23
CA THR A 14 7.32 -26.90 -4.82
C THR A 14 6.36 -26.04 -4.03
N ALA A 15 5.14 -25.88 -4.55
CA ALA A 15 4.15 -25.04 -3.90
C ALA A 15 3.77 -25.63 -2.54
N ASP A 16 3.64 -26.94 -2.49
CA ASP A 16 3.35 -27.64 -1.23
C ASP A 16 4.51 -27.51 -0.25
N GLN A 17 5.73 -27.61 -0.77
CA GLN A 17 6.92 -27.45 0.06
C GLN A 17 7.06 -26.00 0.53
N MET A 18 6.58 -25.07 -0.29
CA MET A 18 6.59 -23.66 0.07
C MET A 18 5.66 -23.40 1.26
N VAL A 19 4.42 -23.86 1.13
CA VAL A 19 3.42 -23.70 2.19
C VAL A 19 3.91 -24.34 3.49
N SER A 20 4.41 -25.56 3.39
CA SER A 20 4.89 -26.32 4.54
C SER A 20 5.99 -25.58 5.29
N ALA A 21 6.92 -24.98 4.55
CA ALA A 21 8.03 -24.26 5.15
C ALA A 21 7.56 -23.02 5.88
N LEU A 22 6.56 -22.35 5.31
CA LEU A 22 6.03 -21.11 5.88
C LEU A 22 5.16 -21.37 7.10
N LEU A 23 4.36 -22.44 7.05
CA LEU A 23 3.53 -22.82 8.20
C LEU A 23 4.37 -23.18 9.41
N ASP A 24 5.46 -23.91 9.19
CA ASP A 24 6.36 -24.33 10.26
C ASP A 24 7.16 -23.17 10.84
N ALA A 25 7.27 -22.09 10.07
CA ALA A 25 8.06 -20.94 10.46
C ALA A 25 7.28 -19.97 11.33
N GLU A 26 5.97 -20.17 11.38
CA GLU A 26 5.07 -19.27 12.10
C GLU A 26 5.54 -18.93 13.51
N PRO A 27 5.60 -17.63 13.81
CA PRO A 27 5.97 -17.20 15.16
C PRO A 27 4.88 -17.61 16.14
N PRO A 28 5.22 -17.74 17.42
CA PRO A 28 4.21 -18.07 18.43
C PRO A 28 3.28 -16.89 18.75
N ILE A 29 2.08 -17.19 19.22
CA ILE A 29 1.18 -16.14 19.68
C ILE A 29 1.51 -15.81 21.13
N LEU A 30 2.10 -14.65 21.34
CA LEU A 30 2.57 -14.26 22.67
C LEU A 30 1.45 -13.67 23.52
N TYR A 31 1.67 -13.63 24.83
CA TYR A 31 0.67 -13.08 25.74
C TYR A 31 1.10 -11.71 26.22
N SER A 32 0.12 -10.92 26.66
CA SER A 32 0.40 -9.61 27.26
C SER A 32 0.66 -9.76 28.75
N GLU A 33 1.28 -8.76 29.36
CA GLU A 33 1.50 -8.76 30.80
C GLU A 33 0.15 -8.77 31.52
N TYR A 34 0.09 -9.41 32.69
CA TYR A 34 -1.19 -9.71 33.32
C TYR A 34 -1.64 -8.65 34.35
N ASP A 35 -2.59 -9.05 35.20
CA ASP A 35 -3.29 -8.15 36.13
C ASP A 35 -4.16 -7.13 35.39
N PRO A 36 -5.39 -7.53 35.00
CA PRO A 36 -6.40 -6.89 34.14
C PRO A 36 -6.42 -5.36 34.18
N THR A 37 -7.48 -4.80 34.75
CA THR A 37 -7.71 -3.36 34.81
C THR A 37 -7.53 -2.69 33.44
N PHE A 40 -8.38 0.90 31.80
CA PHE A 40 -7.30 1.13 30.84
C PHE A 40 -7.03 2.61 30.61
N SER A 41 -5.87 3.06 31.07
CA SER A 41 -5.44 4.43 30.83
C SER A 41 -4.68 4.52 29.51
N GLU A 42 -4.35 5.74 29.11
CA GLU A 42 -3.59 5.96 27.88
C GLU A 42 -2.17 5.42 28.04
N ALA A 43 -1.64 5.54 29.25
CA ALA A 43 -0.28 5.09 29.53
C ALA A 43 -0.21 3.57 29.62
N SER A 44 -1.15 2.97 30.32
CA SER A 44 -1.15 1.52 30.52
C SER A 44 -1.38 0.76 29.21
N MET A 45 -2.26 1.27 28.37
CA MET A 45 -2.59 0.59 27.12
C MET A 45 -1.42 0.57 26.16
N MET A 46 -0.84 1.73 25.89
CA MET A 46 0.29 1.82 24.98
C MET A 46 1.52 1.13 25.56
N GLY A 47 1.56 1.07 26.89
CA GLY A 47 2.63 0.36 27.57
C GLY A 47 2.59 -1.11 27.23
N LEU A 48 1.42 -1.71 27.37
CA LEU A 48 1.25 -3.13 27.09
C LEU A 48 1.54 -3.46 25.62
N LEU A 49 1.03 -2.63 24.72
CA LEU A 49 1.23 -2.85 23.28
C LEU A 49 2.70 -2.71 22.87
N THR A 50 3.39 -1.73 23.44
CA THR A 50 4.81 -1.54 23.15
C THR A 50 5.63 -2.71 23.66
N ASN A 51 5.32 -3.16 24.88
CA ASN A 51 5.94 -4.34 25.46
C ASN A 51 5.70 -5.57 24.60
N LEU A 52 4.43 -5.78 24.24
CA LEU A 52 4.06 -6.91 23.40
C LEU A 52 4.78 -6.90 22.06
N ALA A 53 4.82 -5.74 21.41
CA ALA A 53 5.44 -5.64 20.09
C ALA A 53 6.94 -5.90 20.17
N ASP A 54 7.58 -5.37 21.20
CA ASP A 54 9.01 -5.53 21.39
C ASP A 54 9.42 -7.00 21.51
N ARG A 55 8.54 -7.80 22.10
CA ARG A 55 8.80 -9.23 22.23
C ARG A 55 8.49 -10.00 20.95
N GLU A 56 7.46 -9.58 20.22
CA GLU A 56 7.12 -10.22 18.96
C GLU A 56 8.20 -10.01 17.90
N LEU A 57 8.87 -8.86 17.98
CA LEU A 57 9.92 -8.53 17.02
C LEU A 57 11.03 -9.57 17.01
N VAL A 58 11.37 -10.09 18.19
CA VAL A 58 12.43 -11.09 18.32
C VAL A 58 12.06 -12.38 17.61
N HIS A 59 10.79 -12.76 17.68
CA HIS A 59 10.30 -13.94 16.98
C HIS A 59 10.16 -13.67 15.48
N MET A 60 9.79 -12.43 15.14
CA MET A 60 9.65 -12.06 13.74
C MET A 60 10.98 -12.18 13.01
N ILE A 61 12.02 -11.59 13.59
CA ILE A 61 13.37 -11.65 13.03
C ILE A 61 13.79 -13.10 12.75
N ASN A 62 13.51 -13.99 13.69
CA ASN A 62 13.84 -15.40 13.52
C ASN A 62 12.89 -16.07 12.53
N TRP A 63 11.65 -15.60 12.48
CA TRP A 63 10.70 -16.05 11.47
C TRP A 63 11.16 -15.65 10.07
N ALA A 64 11.70 -14.44 9.95
CA ALA A 64 12.13 -13.93 8.64
C ALA A 64 13.25 -14.77 8.07
N LYS A 65 14.14 -15.23 8.95
CA LYS A 65 15.23 -16.11 8.58
C LYS A 65 14.71 -17.40 7.95
N ARG A 66 13.52 -17.82 8.36
CA ARG A 66 12.96 -19.07 7.86
C ARG A 66 12.19 -18.89 6.55
N VAL A 67 11.89 -17.64 6.20
CA VAL A 67 11.18 -17.36 4.95
C VAL A 67 12.11 -17.63 3.76
N PRO A 68 11.74 -18.59 2.91
CA PRO A 68 12.59 -19.05 1.80
C PRO A 68 13.07 -17.90 0.93
N GLY A 69 14.39 -17.79 0.76
CA GLY A 69 14.98 -16.76 -0.09
C GLY A 69 15.46 -15.55 0.68
N PHE A 70 14.94 -15.36 1.89
CA PHE A 70 15.31 -14.20 2.70
C PHE A 70 16.76 -14.27 3.16
N VAL A 71 17.24 -15.48 3.41
CA VAL A 71 18.62 -15.69 3.86
C VAL A 71 19.62 -15.40 2.75
N ASP A 72 19.18 -15.54 1.50
CA ASP A 72 20.04 -15.33 0.34
C ASP A 72 20.45 -13.87 0.19
N LEU A 73 19.69 -12.98 0.80
CA LEU A 73 19.98 -11.55 0.74
C LEU A 73 21.15 -11.18 1.64
N THR A 74 21.79 -10.06 1.33
CA THR A 74 22.85 -9.54 2.17
C THR A 74 22.29 -9.11 3.53
N LEU A 75 23.17 -9.01 4.52
CA LEU A 75 22.76 -8.58 5.87
C LEU A 75 22.10 -7.20 5.82
N HIS A 76 22.68 -6.30 5.03
CA HIS A 76 22.11 -4.97 4.87
C HIS A 76 20.70 -5.02 4.27
N ASP A 77 20.49 -5.86 3.27
CA ASP A 77 19.17 -6.01 2.64
C ASP A 77 18.14 -6.58 3.61
N GLN A 78 18.55 -7.58 4.39
CA GLN A 78 17.66 -8.17 5.38
C GLN A 78 17.22 -7.14 6.40
N VAL A 79 18.17 -6.33 6.87
CA VAL A 79 17.88 -5.26 7.81
C VAL A 79 16.85 -4.30 7.24
N HIS A 80 17.09 -3.86 6.00
CA HIS A 80 16.22 -2.87 5.37
C HIS A 80 14.81 -3.39 5.15
N LEU A 81 14.69 -4.66 4.76
CA LEU A 81 13.37 -5.24 4.53
C LEU A 81 12.57 -5.35 5.83
N LEU A 82 13.25 -5.73 6.91
CA LEU A 82 12.59 -5.84 8.19
C LEU A 82 12.23 -4.46 8.74
N GLU A 83 13.13 -3.50 8.55
CA GLU A 83 12.89 -2.12 9.01
C GLU A 83 11.67 -1.48 8.36
N CYS A 84 11.41 -1.83 7.11
CA CYS A 84 10.28 -1.25 6.38
C CYS A 84 8.96 -1.95 6.70
N ALA A 85 9.03 -3.27 6.88
CA ALA A 85 7.81 -4.08 6.94
C ALA A 85 7.36 -4.47 8.35
N TRP A 86 8.14 -4.12 9.37
CA TRP A 86 7.92 -4.70 10.70
C TRP A 86 6.54 -4.41 11.28
N LEU A 87 6.03 -3.20 11.09
CA LEU A 87 4.74 -2.86 11.65
C LEU A 87 3.62 -3.48 10.81
N GLU A 88 3.83 -3.56 9.50
CA GLU A 88 2.88 -4.22 8.61
C GLU A 88 2.68 -5.67 9.05
N ILE A 89 3.79 -6.36 9.26
CA ILE A 89 3.77 -7.76 9.66
C ILE A 89 3.08 -7.96 11.00
N LEU A 90 3.37 -7.10 11.98
CA LEU A 90 2.66 -7.13 13.25
C LEU A 90 1.16 -6.91 13.08
N MET A 91 0.81 -6.02 12.17
CA MET A 91 -0.58 -5.65 11.96
C MET A 91 -1.36 -6.75 11.22
N ILE A 92 -0.78 -7.34 10.19
CA ILE A 92 -1.48 -8.40 9.47
C ILE A 92 -1.61 -9.63 10.37
N GLY A 93 -0.69 -9.77 11.30
CA GLY A 93 -0.81 -10.79 12.32
C GLY A 93 -2.00 -10.51 13.22
N LEU A 94 -2.12 -9.25 13.63
CA LEU A 94 -3.22 -8.83 14.49
C LEU A 94 -4.58 -9.09 13.88
N VAL A 95 -4.81 -8.61 12.66
CA VAL A 95 -6.12 -8.72 12.03
C VAL A 95 -6.44 -10.19 11.72
N TRP A 96 -5.41 -10.99 11.51
CA TRP A 96 -5.58 -12.42 11.24
C TRP A 96 -6.09 -13.17 12.46
N ARG A 97 -5.40 -13.05 13.59
CA ARG A 97 -5.84 -13.76 14.79
C ARG A 97 -7.09 -13.11 15.38
N SER A 98 -7.42 -11.90 14.95
CA SER A 98 -8.62 -11.23 15.43
C SER A 98 -9.81 -11.53 14.53
N MET A 99 -9.58 -12.40 13.54
CA MET A 99 -10.57 -12.64 12.50
C MET A 99 -11.91 -13.08 13.06
N GLU A 100 -11.91 -14.20 13.77
CA GLU A 100 -13.16 -14.72 14.35
C GLU A 100 -13.49 -14.08 15.69
N HIS A 101 -13.15 -12.80 15.84
CA HIS A 101 -13.62 -11.99 16.96
C HIS A 101 -14.13 -10.65 16.45
N PRO A 102 -15.28 -10.65 15.77
CA PRO A 102 -15.84 -9.46 15.11
C PRO A 102 -16.03 -8.28 16.07
N GLY A 103 -15.52 -7.11 15.70
CA GLY A 103 -15.66 -5.93 16.52
C GLY A 103 -14.58 -5.85 17.60
N LYS A 104 -13.70 -6.84 17.61
CA LYS A 104 -12.64 -6.93 18.61
C LYS A 104 -11.28 -7.15 17.98
N LEU A 105 -10.24 -6.65 18.63
CA LEU A 105 -8.86 -6.88 18.20
C LEU A 105 -8.13 -7.75 19.22
N LEU A 106 -7.63 -8.89 18.77
CA LEU A 106 -6.92 -9.82 19.64
C LEU A 106 -5.41 -9.58 19.59
N PHE A 107 -4.96 -8.53 20.28
CA PHE A 107 -3.53 -8.25 20.37
C PHE A 107 -2.80 -9.41 21.02
N ALA A 108 -3.46 -10.02 22.01
CA ALA A 108 -2.96 -11.18 22.72
C ALA A 108 -4.17 -11.94 23.22
N PRO A 109 -4.03 -13.25 23.47
CA PRO A 109 -5.15 -14.03 24.00
C PRO A 109 -5.74 -13.44 25.28
N ASN A 110 -4.93 -12.72 26.06
CA ASN A 110 -5.39 -12.09 27.29
C ASN A 110 -5.50 -10.58 27.14
N LEU A 111 -5.59 -10.13 25.88
CA LEU A 111 -5.69 -8.71 25.57
C LEU A 111 -6.56 -8.50 24.34
N LEU A 112 -7.87 -8.54 24.55
CA LEU A 112 -8.84 -8.38 23.48
C LEU A 112 -9.51 -7.00 23.60
N LEU A 113 -9.32 -6.15 22.59
CA LEU A 113 -9.81 -4.78 22.66
C LEU A 113 -10.86 -4.48 21.60
N ASP A 114 -11.78 -3.57 21.93
CA ASP A 114 -12.75 -3.08 20.95
C ASP A 114 -12.52 -1.60 20.68
N ARG A 115 -13.29 -1.05 19.75
CA ARG A 115 -13.13 0.34 19.32
C ARG A 115 -13.23 1.33 20.47
N ASN A 116 -14.06 1.01 21.46
CA ASN A 116 -14.27 1.87 22.61
C ASN A 116 -13.00 2.09 23.43
N GLN A 117 -12.13 1.08 23.44
CA GLN A 117 -10.89 1.13 24.21
C GLN A 117 -9.85 2.05 23.58
N GLY A 118 -9.80 2.07 22.25
CA GLY A 118 -8.82 2.87 21.54
C GLY A 118 -9.02 4.36 21.71
N LYS A 119 -10.22 4.77 22.12
CA LYS A 119 -10.55 6.19 22.24
C LYS A 119 -9.84 6.88 23.40
N CYS A 120 -9.29 6.10 24.33
CA CYS A 120 -8.60 6.67 25.48
C CYS A 120 -7.19 7.10 25.11
N VAL A 121 -6.83 6.90 23.84
CA VAL A 121 -5.57 7.39 23.30
C VAL A 121 -5.83 8.19 22.03
N GLU A 122 -5.18 9.35 21.93
CA GLU A 122 -5.37 10.27 20.81
C GLU A 122 -5.05 9.62 19.46
N GLY A 123 -5.94 9.81 18.50
CA GLY A 123 -5.74 9.34 17.13
C GLY A 123 -5.64 7.83 16.99
N MET A 124 -6.01 7.12 18.05
CA MET A 124 -5.90 5.66 18.09
C MET A 124 -7.14 5.00 17.50
N VAL A 125 -8.27 5.70 17.58
CA VAL A 125 -9.55 5.20 17.10
C VAL A 125 -9.53 4.95 15.59
N GLU A 126 -8.86 5.82 14.85
CA GLU A 126 -8.80 5.71 13.40
C GLU A 126 -8.09 4.44 12.99
N ILE A 127 -6.90 4.20 13.54
CA ILE A 127 -6.13 3.01 13.22
C ILE A 127 -6.86 1.75 13.70
N PHE A 128 -7.57 1.85 14.82
CA PHE A 128 -8.37 0.74 15.31
C PHE A 128 -9.45 0.33 14.32
N ASP A 129 -10.22 1.32 13.85
CA ASP A 129 -11.30 1.07 12.91
C ASP A 129 -10.80 0.50 11.61
N MET A 130 -9.63 0.94 11.17
CA MET A 130 -9.02 0.41 9.95
C MET A 130 -8.61 -1.05 10.16
N LEU A 131 -8.08 -1.36 11.33
CA LEU A 131 -7.65 -2.72 11.64
C LEU A 131 -8.86 -3.65 11.71
N LEU A 132 -9.89 -3.21 12.40
CA LEU A 132 -11.15 -3.93 12.48
C LEU A 132 -11.75 -4.16 11.10
N ALA A 133 -11.64 -3.16 10.23
CA ALA A 133 -12.19 -3.26 8.88
C ALA A 133 -11.42 -4.29 8.06
N THR A 134 -10.12 -4.33 8.24
CA THR A 134 -9.27 -5.31 7.57
C THR A 134 -9.63 -6.72 8.02
N SER A 135 -9.81 -6.89 9.33
CA SER A 135 -10.17 -8.19 9.90
C SER A 135 -11.52 -8.64 9.38
N SER A 136 -12.46 -7.71 9.29
CA SER A 136 -13.78 -8.01 8.75
C SER A 136 -13.69 -8.39 7.28
N ARG A 137 -12.76 -7.77 6.58
CA ARG A 137 -12.53 -8.10 5.18
C ARG A 137 -11.98 -9.52 5.06
N PHE A 138 -10.99 -9.86 5.89
CA PHE A 138 -10.44 -11.21 5.94
C PHE A 138 -11.52 -12.24 6.23
N ARG A 139 -12.38 -11.92 7.19
CA ARG A 139 -13.45 -12.81 7.59
C ARG A 139 -14.45 -13.03 6.46
N MET A 140 -14.76 -11.94 5.75
CA MET A 140 -15.67 -12.00 4.60
C MET A 140 -15.12 -12.88 3.47
N MET A 141 -13.82 -12.76 3.23
CA MET A 141 -13.15 -13.54 2.17
C MET A 141 -12.88 -14.97 2.60
N ASN A 142 -13.09 -15.26 3.88
CA ASN A 142 -12.76 -16.56 4.46
C ASN A 142 -11.30 -16.92 4.19
N LEU A 143 -10.40 -16.01 4.53
CA LEU A 143 -8.96 -16.18 4.33
C LEU A 143 -8.42 -17.41 5.06
N GLN A 144 -7.63 -18.20 4.36
CA GLN A 144 -7.04 -19.41 4.93
C GLN A 144 -5.65 -19.14 5.49
N GLY A 145 -5.22 -19.99 6.43
CA GLY A 145 -3.91 -19.87 7.04
C GLY A 145 -2.77 -19.93 6.04
N GLU A 146 -2.92 -20.81 5.05
CA GLU A 146 -1.91 -20.95 4.01
C GLU A 146 -1.81 -19.68 3.17
N GLU A 147 -2.95 -19.01 2.97
CA GLU A 147 -2.97 -17.75 2.25
C GLU A 147 -2.34 -16.65 3.09
N PHE A 148 -2.67 -16.64 4.39
CA PHE A 148 -2.15 -15.65 5.33
C PHE A 148 -0.62 -15.65 5.38
N VAL A 149 -0.02 -16.82 5.56
CA VAL A 149 1.44 -16.90 5.67
C VAL A 149 2.12 -16.53 4.35
N CYS A 150 1.41 -16.66 3.24
CA CYS A 150 1.93 -16.20 1.95
C CYS A 150 1.92 -14.67 1.91
N LEU A 151 0.80 -14.07 2.28
CA LEU A 151 0.65 -12.62 2.33
C LEU A 151 1.69 -11.97 3.22
N LYS A 152 1.90 -12.55 4.40
CA LYS A 152 2.86 -12.04 5.37
C LYS A 152 4.27 -12.02 4.79
N SER A 153 4.65 -13.10 4.12
CA SER A 153 5.98 -13.19 3.53
C SER A 153 6.11 -12.27 2.31
N ILE A 154 5.02 -12.11 1.56
CA ILE A 154 5.00 -11.17 0.45
C ILE A 154 5.26 -9.75 0.96
N ILE A 155 4.63 -9.40 2.08
CA ILE A 155 4.86 -8.11 2.72
C ILE A 155 6.33 -7.91 3.09
N LEU A 156 6.95 -8.95 3.63
CA LEU A 156 8.34 -8.89 4.06
C LEU A 156 9.28 -8.55 2.89
N LEU A 157 8.98 -9.13 1.73
CA LEU A 157 9.88 -9.05 0.59
C LEU A 157 9.54 -7.90 -0.35
N ASN A 158 8.31 -7.41 -0.28
CA ASN A 158 7.88 -6.37 -1.21
C ASN A 158 7.99 -4.95 -0.66
N SER A 159 7.75 -4.80 0.64
CA SER A 159 7.59 -3.46 1.21
C SER A 159 8.84 -2.58 1.17
N GLY A 160 10.02 -3.19 1.06
CA GLY A 160 11.25 -2.41 1.05
C GLY A 160 12.10 -2.61 -0.19
N VAL A 161 11.59 -3.37 -1.15
CA VAL A 161 12.38 -3.78 -2.31
C VAL A 161 12.67 -2.62 -3.28
N TYR A 162 12.03 -1.48 -3.07
CA TYR A 162 12.26 -0.30 -3.92
C TYR A 162 13.12 0.77 -3.24
N THR A 163 13.66 0.43 -2.08
CA THR A 163 14.51 1.38 -1.36
C THR A 163 15.80 0.74 -0.88
N GLU A 174 21.06 -8.25 -7.51
CA GLU A 174 20.32 -8.82 -6.39
C GLU A 174 18.82 -8.77 -6.61
N LYS A 175 18.29 -7.54 -6.74
CA LYS A 175 16.85 -7.24 -6.78
C LYS A 175 15.98 -8.24 -7.54
N ASP A 176 16.55 -8.87 -8.57
CA ASP A 176 15.83 -9.86 -9.36
C ASP A 176 15.46 -11.07 -8.52
N HIS A 177 16.34 -11.41 -7.57
CA HIS A 177 16.11 -12.55 -6.69
C HIS A 177 14.80 -12.42 -5.92
N ILE A 178 14.60 -11.27 -5.28
CA ILE A 178 13.38 -11.00 -4.54
C ILE A 178 12.15 -11.11 -5.45
N HIS A 179 12.28 -10.59 -6.67
CA HIS A 179 11.21 -10.68 -7.66
C HIS A 179 10.92 -12.13 -8.05
N ARG A 180 11.99 -12.92 -8.13
CA ARG A 180 11.86 -14.33 -8.47
C ARG A 180 11.18 -15.11 -7.34
N VAL A 181 11.47 -14.71 -6.10
CA VAL A 181 10.83 -15.33 -4.94
C VAL A 181 9.38 -14.86 -4.83
N LEU A 182 9.15 -13.58 -5.13
CA LEU A 182 7.80 -13.02 -5.10
C LEU A 182 6.88 -13.74 -6.08
N ASP A 183 7.40 -14.02 -7.27
CA ASP A 183 6.64 -14.75 -8.27
C ASP A 183 6.33 -16.18 -7.79
N LYS A 184 7.27 -16.76 -7.04
CA LYS A 184 7.13 -18.12 -6.55
C LYS A 184 5.96 -18.23 -5.55
N ILE A 185 5.83 -17.22 -4.70
CA ILE A 185 4.73 -17.16 -3.74
C ILE A 185 3.40 -16.93 -4.45
N THR A 186 3.44 -16.17 -5.55
CA THR A 186 2.24 -15.99 -6.38
C THR A 186 1.76 -17.34 -6.90
N ASP A 187 2.69 -18.11 -7.46
CA ASP A 187 2.40 -19.46 -7.93
C ASP A 187 1.82 -20.31 -6.79
N THR A 188 2.34 -20.10 -5.59
CA THR A 188 1.91 -20.84 -4.42
C THR A 188 0.46 -20.50 -4.08
N LEU A 189 0.15 -19.20 -4.06
CA LEU A 189 -1.21 -18.74 -3.78
C LEU A 189 -2.21 -19.30 -4.80
N ILE A 190 -1.86 -19.24 -6.08
CA ILE A 190 -2.70 -19.79 -7.13
C ILE A 190 -2.90 -21.30 -6.95
N HIS A 191 -1.82 -22.00 -6.60
CA HIS A 191 -1.87 -23.44 -6.36
C HIS A 191 -2.85 -23.79 -5.24
N LEU A 192 -2.81 -23.03 -4.17
CA LEU A 192 -3.73 -23.22 -3.04
C LEU A 192 -5.18 -23.04 -3.47
N MET A 193 -5.42 -22.01 -4.29
CA MET A 193 -6.77 -21.71 -4.74
C MET A 193 -7.27 -22.75 -5.73
N ALA A 194 -6.39 -23.18 -6.63
CA ALA A 194 -6.74 -24.20 -7.61
C ALA A 194 -7.03 -25.52 -6.91
N LYS A 195 -6.35 -25.74 -5.78
CA LYS A 195 -6.58 -26.94 -4.98
C LYS A 195 -7.91 -26.87 -4.27
N ALA A 196 -8.31 -25.66 -3.89
CA ALA A 196 -9.57 -25.46 -3.18
C ALA A 196 -10.77 -25.48 -4.13
N GLY A 197 -10.50 -25.70 -5.41
CA GLY A 197 -11.56 -25.91 -6.39
C GLY A 197 -12.05 -24.64 -7.06
N LEU A 198 -11.34 -23.54 -6.85
CA LEU A 198 -11.72 -22.27 -7.45
C LEU A 198 -11.50 -22.29 -8.96
N THR A 199 -12.45 -21.73 -9.71
CA THR A 199 -12.31 -21.62 -11.16
C THR A 199 -11.16 -20.68 -11.49
N LEU A 200 -10.69 -20.75 -12.73
CA LEU A 200 -9.59 -19.91 -13.19
C LEU A 200 -9.87 -18.44 -12.93
N GLN A 201 -11.10 -18.02 -13.26
CA GLN A 201 -11.51 -16.63 -13.07
C GLN A 201 -11.54 -16.29 -11.59
N GLN A 202 -12.05 -17.21 -10.78
CA GLN A 202 -12.13 -17.02 -9.34
C GLN A 202 -10.73 -16.95 -8.72
N GLN A 203 -9.75 -17.54 -9.39
CA GLN A 203 -8.38 -17.54 -8.90
C GLN A 203 -7.70 -16.18 -9.06
N HIS A 204 -7.84 -15.60 -10.25
N HIS A 204 -7.84 -15.53 -10.22
CA HIS A 204 -7.28 -14.28 -10.54
CA HIS A 204 -7.16 -14.26 -10.40
C HIS A 204 -7.90 -13.26 -9.61
C HIS A 204 -7.93 -13.09 -9.79
N GLN A 205 -9.23 -13.28 -9.55
CA GLN A 205 -10.00 -12.31 -8.79
C GLN A 205 -9.62 -12.35 -7.32
N ARG A 206 -9.60 -13.54 -6.73
CA ARG A 206 -9.25 -13.69 -5.33
C ARG A 206 -7.81 -13.26 -5.06
N LEU A 207 -6.92 -13.61 -6.00
CA LEU A 207 -5.53 -13.17 -5.92
C LEU A 207 -5.44 -11.64 -5.87
N ALA A 208 -6.18 -11.01 -6.78
CA ALA A 208 -6.25 -9.56 -6.84
C ALA A 208 -6.80 -8.97 -5.54
N GLN A 209 -7.89 -9.55 -5.04
CA GLN A 209 -8.51 -9.06 -3.81
C GLN A 209 -7.54 -9.12 -2.64
N LEU A 210 -6.77 -10.20 -2.57
CA LEU A 210 -5.83 -10.41 -1.47
C LEU A 210 -4.69 -9.38 -1.50
N LEU A 211 -4.12 -9.17 -2.68
CA LEU A 211 -2.97 -8.28 -2.81
C LEU A 211 -3.35 -6.82 -2.60
N LEU A 212 -4.59 -6.48 -2.95
CA LEU A 212 -5.11 -5.14 -2.73
C LEU A 212 -5.20 -4.78 -1.25
N ILE A 213 -5.38 -5.79 -0.40
CA ILE A 213 -5.41 -5.57 1.05
C ILE A 213 -4.07 -5.01 1.52
N LEU A 214 -2.99 -5.50 0.90
CA LEU A 214 -1.64 -5.11 1.28
C LEU A 214 -1.42 -3.61 1.11
N SER A 215 -2.20 -3.00 0.24
CA SER A 215 -2.16 -1.56 0.09
C SER A 215 -2.74 -0.89 1.33
N HIS A 216 -3.79 -1.47 1.90
CA HIS A 216 -4.41 -0.93 3.10
C HIS A 216 -3.54 -1.18 4.32
N ILE A 217 -2.92 -2.36 4.37
CA ILE A 217 -2.01 -2.69 5.44
C ILE A 217 -0.83 -1.71 5.43
N ARG A 218 -0.33 -1.39 4.25
CA ARG A 218 0.73 -0.39 4.10
C ARG A 218 0.31 0.94 4.68
N HIS A 219 -0.93 1.33 4.39
CA HIS A 219 -1.49 2.59 4.85
C HIS A 219 -1.61 2.63 6.37
N MET A 220 -2.10 1.54 6.94
CA MET A 220 -2.28 1.47 8.38
C MET A 220 -0.93 1.52 9.10
N SER A 221 0.07 0.90 8.49
CA SER A 221 1.43 0.94 9.01
C SER A 221 1.95 2.38 9.05
N ASN A 222 1.86 3.06 7.92
CA ASN A 222 2.31 4.44 7.81
C ASN A 222 1.63 5.34 8.85
N LYS A 223 0.32 5.16 9.02
CA LYS A 223 -0.42 5.90 10.05
C LYS A 223 0.06 5.52 11.45
N GLY A 224 0.38 4.24 11.64
CA GLY A 224 0.90 3.78 12.92
C GLY A 224 2.25 4.38 13.25
N MET A 225 3.11 4.48 12.23
CA MET A 225 4.43 5.06 12.38
C MET A 225 4.37 6.50 12.91
N GLU A 226 3.47 7.28 12.33
CA GLU A 226 3.27 8.67 12.74
C GLU A 226 2.90 8.73 14.21
N HIS A 227 1.95 7.88 14.59
CA HIS A 227 1.46 7.85 15.96
C HIS A 227 2.57 7.49 16.94
N LEU A 228 3.42 6.55 16.54
CA LEU A 228 4.53 6.11 17.37
C LEU A 228 5.62 7.18 17.48
N TYR A 229 5.92 7.83 16.36
CA TYR A 229 6.87 8.93 16.35
C TYR A 229 6.34 10.09 17.19
N SER A 230 5.01 10.16 17.27
CA SER A 230 4.34 11.18 18.06
C SER A 230 4.55 10.96 19.55
N MET A 231 4.30 9.74 20.00
CA MET A 231 4.42 9.42 21.43
C MET A 231 5.88 9.27 21.86
N LYS A 232 6.79 9.19 20.90
CA LYS A 232 8.21 9.22 21.20
C LYS A 232 8.63 10.66 21.48
N CYS A 233 8.04 11.60 20.76
CA CYS A 233 8.26 13.03 21.00
C CYS A 233 7.25 13.59 21.98
N LYS A 234 6.94 12.80 23.00
CA LYS A 234 5.99 13.21 24.04
C LYS A 234 6.22 12.39 25.29
N ASN A 235 7.02 11.33 25.15
CA ASN A 235 7.36 10.43 26.24
C ASN A 235 6.13 9.80 26.89
N VAL A 236 5.02 9.78 26.17
CA VAL A 236 3.76 9.24 26.67
C VAL A 236 3.75 7.71 26.55
N VAL A 237 4.91 7.13 26.84
CA VAL A 237 5.24 5.70 26.95
C VAL A 237 6.69 5.59 26.48
N PRO A 238 7.54 4.86 27.23
CA PRO A 238 8.94 4.72 26.83
C PRO A 238 9.19 3.53 25.91
N LEU A 239 9.54 3.80 24.66
CA LEU A 239 9.81 2.75 23.68
C LEU A 239 11.12 2.03 24.00
N SER A 240 11.21 0.77 23.60
CA SER A 240 12.43 -0.01 23.82
C SER A 240 13.50 0.37 22.81
N ASP A 241 14.73 -0.04 23.09
CA ASP A 241 15.87 0.34 22.24
C ASP A 241 15.82 -0.27 20.85
N LEU A 242 15.26 -1.47 20.76
CA LEU A 242 15.11 -2.11 19.46
C LEU A 242 13.97 -1.45 18.69
N LEU A 243 12.90 -1.12 19.40
CA LEU A 243 11.73 -0.49 18.78
C LEU A 243 12.08 0.91 18.30
N LEU A 244 13.00 1.57 19.01
CA LEU A 244 13.47 2.90 18.63
C LEU A 244 14.28 2.86 17.34
N GLU A 245 15.12 1.85 17.22
CA GLU A 245 15.94 1.69 16.03
C GLU A 245 15.07 1.41 14.82
N MET A 246 14.02 0.63 15.03
CA MET A 246 13.06 0.35 13.96
C MET A 246 12.33 1.62 13.54
N LEU A 247 12.08 2.49 14.51
CA LEU A 247 11.36 3.73 14.28
C LEU A 247 12.24 4.80 13.62
N ASP A 248 13.51 4.83 14.01
CA ASP A 248 14.46 5.79 13.45
C ASP A 248 14.80 5.45 12.00
N ALA A 249 14.33 4.28 11.54
CA ALA A 249 14.53 3.87 10.16
C ALA A 249 13.43 4.43 9.25
N HIS A 250 12.42 5.04 9.87
CA HIS A 250 11.33 5.67 9.14
C HIS A 250 11.26 7.17 9.43
N ARG A 251 12.40 7.76 9.80
CA ARG A 251 12.46 9.18 10.13
C ARG A 251 12.58 10.03 8.87
N SER B 8 -26.86 0.26 -13.91
CA SER B 8 -25.76 -0.66 -13.65
C SER B 8 -25.15 -1.15 -14.97
N LEU B 9 -24.37 -0.29 -15.60
CA LEU B 9 -23.79 -0.60 -16.91
C LEU B 9 -22.34 -1.03 -16.82
N ALA B 10 -21.70 -0.75 -15.69
CA ALA B 10 -20.29 -1.07 -15.51
C ALA B 10 -20.04 -2.57 -15.49
N LEU B 11 -20.98 -3.31 -14.89
CA LEU B 11 -20.85 -4.76 -14.76
C LEU B 11 -21.20 -5.46 -16.06
N SER B 12 -21.75 -4.71 -17.02
CA SER B 12 -22.20 -5.29 -18.28
C SER B 12 -21.17 -5.11 -19.40
N LEU B 13 -20.20 -4.23 -19.18
CA LEU B 13 -19.16 -3.96 -20.17
C LEU B 13 -18.28 -5.17 -20.41
N THR B 14 -17.91 -5.39 -21.67
CA THR B 14 -16.92 -6.41 -21.98
C THR B 14 -15.55 -5.85 -21.64
N ALA B 15 -14.54 -6.72 -21.64
CA ALA B 15 -13.18 -6.31 -21.33
C ALA B 15 -12.68 -5.26 -22.32
N ASP B 16 -12.98 -5.45 -23.60
CA ASP B 16 -12.57 -4.51 -24.64
C ASP B 16 -13.29 -3.18 -24.46
N GLN B 17 -14.57 -3.25 -24.11
CA GLN B 17 -15.37 -2.04 -23.89
C GLN B 17 -14.91 -1.30 -22.63
N MET B 18 -14.38 -2.07 -21.68
CA MET B 18 -13.83 -1.50 -20.46
C MET B 18 -12.58 -0.67 -20.77
N VAL B 19 -11.65 -1.28 -21.49
CA VAL B 19 -10.40 -0.61 -21.86
C VAL B 19 -10.68 0.61 -22.72
N SER B 20 -11.59 0.45 -23.68
CA SER B 20 -12.02 1.54 -24.53
C SER B 20 -12.50 2.74 -23.70
N ALA B 21 -13.42 2.47 -22.78
CA ALA B 21 -13.98 3.52 -21.94
C ALA B 21 -12.90 4.24 -21.13
N LEU B 22 -11.99 3.46 -20.55
CA LEU B 22 -10.92 4.00 -19.72
C LEU B 22 -9.92 4.83 -20.51
N LEU B 23 -9.54 4.34 -21.69
CA LEU B 23 -8.62 5.06 -22.56
C LEU B 23 -9.20 6.40 -23.00
N ASP B 24 -10.47 6.39 -23.37
CA ASP B 24 -11.13 7.61 -23.84
C ASP B 24 -11.30 8.61 -22.71
N ALA B 25 -11.26 8.10 -21.49
CA ALA B 25 -11.50 8.92 -20.30
C ALA B 25 -10.24 9.61 -19.82
N GLU B 26 -9.10 9.25 -20.41
CA GLU B 26 -7.80 9.77 -19.97
C GLU B 26 -7.76 11.29 -19.94
N PRO B 27 -7.25 11.85 -18.83
CA PRO B 27 -7.09 13.30 -18.70
C PRO B 27 -5.98 13.79 -19.62
N PRO B 28 -5.99 15.08 -19.95
CA PRO B 28 -4.90 15.62 -20.77
C PRO B 28 -3.60 15.75 -19.99
N ILE B 29 -2.48 15.82 -20.70
CA ILE B 29 -1.20 16.09 -20.05
C ILE B 29 -1.00 17.60 -19.97
N LEU B 30 -1.10 18.15 -18.77
CA LEU B 30 -1.01 19.59 -18.59
C LEU B 30 0.42 20.10 -18.60
N TYR B 31 0.60 21.36 -18.99
CA TYR B 31 1.91 21.98 -18.98
C TYR B 31 2.11 22.77 -17.69
N SER B 32 3.37 22.90 -17.28
CA SER B 32 3.73 23.70 -16.12
C SER B 32 3.94 25.15 -16.53
N GLU B 33 4.22 26.01 -15.55
CA GLU B 33 4.54 27.40 -15.84
C GLU B 33 6.05 27.63 -15.78
N TYR B 34 6.82 26.55 -15.95
CA TYR B 34 8.28 26.60 -15.93
C TYR B 34 8.79 27.61 -16.96
N ASP B 35 9.48 28.65 -16.47
CA ASP B 35 9.94 29.73 -17.34
C ASP B 35 11.43 30.07 -17.16
N PRO B 36 12.30 29.06 -17.38
CA PRO B 36 13.72 28.95 -17.01
C PRO B 36 14.33 30.16 -16.32
N THR B 37 13.99 30.33 -15.03
CA THR B 37 14.80 31.09 -14.09
C THR B 37 15.76 30.06 -13.50
N ARG B 38 16.46 30.37 -12.42
CA ARG B 38 17.33 29.37 -11.80
C ARG B 38 16.81 28.94 -10.43
N SER B 41 14.65 27.51 -7.19
CA SER B 41 14.63 27.59 -5.74
C SER B 41 13.62 26.62 -5.13
N GLU B 42 13.63 26.52 -3.81
CA GLU B 42 12.70 25.68 -3.08
C GLU B 42 11.28 26.19 -3.23
N ALA B 43 11.14 27.51 -3.15
CA ALA B 43 9.84 28.17 -3.27
C ALA B 43 9.27 27.99 -4.66
N SER B 44 10.09 28.27 -5.67
CA SER B 44 9.65 28.22 -7.06
C SER B 44 9.22 26.82 -7.47
N MET B 45 10.03 25.81 -7.14
CA MET B 45 9.75 24.44 -7.56
C MET B 45 8.44 23.91 -6.98
N MET B 46 8.26 24.09 -5.67
CA MET B 46 7.06 23.60 -5.01
C MET B 46 5.84 24.39 -5.46
N GLY B 47 6.04 25.65 -5.79
CA GLY B 47 4.97 26.50 -6.29
C GLY B 47 4.46 26.03 -7.64
N LEU B 48 5.39 25.59 -8.49
CA LEU B 48 5.03 25.07 -9.81
C LEU B 48 4.26 23.76 -9.70
N LEU B 49 4.75 22.87 -8.84
CA LEU B 49 4.13 21.56 -8.67
C LEU B 49 2.75 21.68 -8.05
N THR B 50 2.61 22.57 -7.08
CA THR B 50 1.32 22.81 -6.44
C THR B 50 0.30 23.34 -7.44
N ASN B 51 0.72 24.35 -8.21
CA ASN B 51 -0.12 24.91 -9.27
C ASN B 51 -0.53 23.86 -10.29
N LEU B 52 0.42 23.02 -10.68
CA LEU B 52 0.15 21.95 -11.64
C LEU B 52 -0.86 20.94 -11.07
N ALA B 53 -0.59 20.48 -9.86
CA ALA B 53 -1.47 19.52 -9.19
C ALA B 53 -2.89 20.06 -9.04
N ASP B 54 -2.98 21.33 -8.68
CA ASP B 54 -4.27 22.01 -8.53
C ASP B 54 -5.08 21.99 -9.82
N ARG B 55 -4.41 22.14 -10.96
CA ARG B 55 -5.10 22.12 -12.24
C ARG B 55 -5.40 20.69 -12.69
N GLU B 56 -4.52 19.76 -12.35
CA GLU B 56 -4.74 18.35 -12.68
C GLU B 56 -5.95 17.76 -11.94
N LEU B 57 -6.17 18.23 -10.71
CA LEU B 57 -7.29 17.78 -9.89
C LEU B 57 -8.64 17.94 -10.58
N VAL B 58 -8.81 19.05 -11.28
CA VAL B 58 -10.07 19.33 -11.96
C VAL B 58 -10.33 18.31 -13.05
N HIS B 59 -9.27 17.95 -13.76
CA HIS B 59 -9.37 16.93 -14.79
C HIS B 59 -9.56 15.56 -14.16
N MET B 60 -8.94 15.34 -13.01
CA MET B 60 -9.06 14.07 -12.31
C MET B 60 -10.49 13.82 -11.86
N ILE B 61 -11.15 14.88 -11.39
CA ILE B 61 -12.52 14.78 -10.92
C ILE B 61 -13.46 14.40 -12.05
N ASN B 62 -13.26 15.01 -13.22
CA ASN B 62 -14.09 14.71 -14.38
C ASN B 62 -13.71 13.39 -15.01
N TRP B 63 -12.44 13.01 -14.85
CA TRP B 63 -12.00 11.68 -15.26
C TRP B 63 -12.65 10.60 -14.38
N ALA B 64 -12.69 10.86 -13.08
CA ALA B 64 -13.24 9.90 -12.12
C ALA B 64 -14.70 9.59 -12.43
N LYS B 65 -15.40 10.61 -12.94
CA LYS B 65 -16.79 10.44 -13.36
C LYS B 65 -16.92 9.43 -14.49
N ARG B 66 -15.88 9.34 -15.31
CA ARG B 66 -15.94 8.47 -16.49
C ARG B 66 -15.50 7.04 -16.18
N VAL B 67 -14.92 6.84 -15.01
CA VAL B 67 -14.54 5.50 -14.57
C VAL B 67 -15.80 4.69 -14.30
N PRO B 68 -15.99 3.59 -15.03
CA PRO B 68 -17.20 2.77 -14.94
C PRO B 68 -17.52 2.32 -13.51
N GLY B 69 -18.73 2.60 -13.06
CA GLY B 69 -19.16 2.21 -11.73
C GLY B 69 -19.06 3.32 -10.69
N PHE B 70 -18.17 4.27 -10.93
CA PHE B 70 -17.93 5.37 -9.99
C PHE B 70 -19.16 6.22 -9.77
N VAL B 71 -19.91 6.46 -10.85
CA VAL B 71 -21.09 7.31 -10.79
C VAL B 71 -22.20 6.69 -9.95
N ASP B 72 -22.23 5.37 -9.92
CA ASP B 72 -23.26 4.63 -9.20
C ASP B 72 -23.18 4.89 -7.69
N LEU B 73 -21.99 5.27 -7.23
CA LEU B 73 -21.77 5.57 -5.81
C LEU B 73 -22.46 6.87 -5.41
N THR B 74 -22.70 7.04 -4.12
CA THR B 74 -23.28 8.26 -3.60
C THR B 74 -22.27 9.40 -3.71
N LEU B 75 -22.74 10.63 -3.48
CA LEU B 75 -21.86 11.79 -3.54
C LEU B 75 -20.80 11.70 -2.46
N HIS B 76 -21.22 11.35 -1.25
CA HIS B 76 -20.32 11.21 -0.10
C HIS B 76 -19.23 10.17 -0.37
N ASP B 77 -19.61 9.07 -1.01
CA ASP B 77 -18.66 8.02 -1.34
C ASP B 77 -17.67 8.47 -2.42
N GLN B 78 -18.18 9.20 -3.42
CA GLN B 78 -17.34 9.70 -4.49
C GLN B 78 -16.30 10.68 -3.95
N VAL B 79 -16.75 11.56 -3.07
CA VAL B 79 -15.87 12.51 -2.41
C VAL B 79 -14.77 11.79 -1.63
N HIS B 80 -15.18 10.83 -0.80
CA HIS B 80 -14.24 10.12 0.06
C HIS B 80 -13.20 9.34 -0.74
N LEU B 81 -13.62 8.71 -1.84
CA LEU B 81 -12.70 7.93 -2.67
C LEU B 81 -11.63 8.82 -3.31
N LEU B 82 -12.02 10.03 -3.72
CA LEU B 82 -11.06 10.96 -4.31
C LEU B 82 -10.15 11.56 -3.25
N GLU B 83 -10.73 11.94 -2.11
CA GLU B 83 -9.97 12.51 -1.01
C GLU B 83 -8.86 11.57 -0.54
N CYS B 84 -9.13 10.27 -0.60
CA CYS B 84 -8.14 9.26 -0.24
C CYS B 84 -7.05 9.09 -1.32
N ALA B 85 -7.47 8.99 -2.57
CA ALA B 85 -6.57 8.51 -3.63
C ALA B 85 -5.98 9.58 -4.55
N TRP B 86 -6.32 10.85 -4.34
CA TRP B 86 -5.94 11.91 -5.28
C TRP B 86 -4.43 12.01 -5.53
N LEU B 87 -3.62 11.88 -4.48
CA LEU B 87 -2.18 12.01 -4.63
C LEU B 87 -1.58 10.73 -5.21
N GLU B 88 -2.19 9.58 -4.92
CA GLU B 88 -1.79 8.32 -5.53
C GLU B 88 -1.95 8.41 -7.05
N ILE B 89 -3.12 8.85 -7.47
CA ILE B 89 -3.45 8.97 -8.89
C ILE B 89 -2.52 9.95 -9.61
N LEU B 90 -2.29 11.11 -9.01
CA LEU B 90 -1.31 12.06 -9.55
C LEU B 90 0.07 11.41 -9.70
N MET B 91 0.47 10.64 -8.70
CA MET B 91 1.80 10.04 -8.70
C MET B 91 1.94 8.92 -9.72
N ILE B 92 0.93 8.07 -9.86
CA ILE B 92 1.03 6.99 -10.84
C ILE B 92 0.94 7.57 -12.25
N GLY B 93 0.29 8.72 -12.39
CA GLY B 93 0.31 9.46 -13.63
C GLY B 93 1.73 9.95 -13.90
N LEU B 94 2.39 10.44 -12.86
CA LEU B 94 3.75 10.96 -12.99
C LEU B 94 4.74 9.90 -13.45
N VAL B 95 4.77 8.78 -12.72
CA VAL B 95 5.75 7.73 -13.03
C VAL B 95 5.50 7.08 -14.38
N TRP B 96 4.24 7.15 -14.85
CA TRP B 96 3.88 6.58 -16.15
C TRP B 96 4.34 7.44 -17.32
N ARG B 97 4.15 8.76 -17.25
CA ARG B 97 4.61 9.62 -18.33
C ARG B 97 6.11 9.89 -18.22
N SER B 98 6.71 9.47 -17.10
CA SER B 98 8.15 9.58 -16.89
C SER B 98 8.85 8.28 -17.26
N MET B 99 8.07 7.31 -17.74
CA MET B 99 8.55 5.94 -17.94
C MET B 99 9.77 5.87 -18.84
N GLU B 100 9.69 6.49 -20.01
CA GLU B 100 10.78 6.46 -20.96
C GLU B 100 11.67 7.70 -20.84
N HIS B 101 11.81 8.21 -19.61
CA HIS B 101 12.81 9.24 -19.32
C HIS B 101 13.61 8.82 -18.09
N PRO B 102 14.51 7.83 -18.25
CA PRO B 102 15.25 7.22 -17.14
C PRO B 102 16.04 8.24 -16.33
N GLY B 103 15.83 8.25 -15.02
CA GLY B 103 16.51 9.16 -14.13
C GLY B 103 15.84 10.52 -14.04
N LYS B 104 14.74 10.67 -14.77
CA LYS B 104 14.02 11.93 -14.80
C LYS B 104 12.55 11.75 -14.43
N LEU B 105 11.95 12.81 -13.90
CA LEU B 105 10.52 12.83 -13.59
C LEU B 105 9.81 13.88 -14.45
N LEU B 106 8.94 13.41 -15.34
CA LEU B 106 8.21 14.30 -16.23
C LEU B 106 6.92 14.81 -15.58
N PHE B 107 7.04 15.81 -14.71
CA PHE B 107 5.86 16.42 -14.11
C PHE B 107 5.01 17.06 -15.20
N ALA B 108 5.69 17.66 -16.17
CA ALA B 108 5.04 18.27 -17.31
C ALA B 108 5.99 18.15 -18.49
N PRO B 109 5.47 18.27 -19.73
CA PRO B 109 6.35 18.23 -20.90
C PRO B 109 7.46 19.28 -20.82
N ASN B 110 7.19 20.38 -20.14
CA ASN B 110 8.17 21.46 -19.99
C ASN B 110 8.72 21.50 -18.57
N LEU B 111 8.52 20.43 -17.82
CA LEU B 111 9.04 20.35 -16.47
C LEU B 111 9.60 18.95 -16.18
N LEU B 112 10.84 18.72 -16.61
CA LEU B 112 11.51 17.44 -16.44
C LEU B 112 12.62 17.57 -15.40
N LEU B 113 12.47 16.85 -14.29
CA LEU B 113 13.41 16.98 -13.17
C LEU B 113 14.15 15.68 -12.86
N ASP B 114 15.38 15.79 -12.37
CA ASP B 114 16.11 14.63 -11.88
C ASP B 114 16.32 14.72 -10.37
N ARG B 115 17.01 13.74 -9.81
CA ARG B 115 17.18 13.64 -8.36
C ARG B 115 17.93 14.83 -7.76
N ASN B 116 18.76 15.47 -8.58
CA ASN B 116 19.56 16.61 -8.13
C ASN B 116 18.72 17.85 -7.79
N GLN B 117 17.58 17.99 -8.45
CA GLN B 117 16.72 19.16 -8.23
C GLN B 117 15.92 19.04 -6.94
N GLY B 118 15.42 17.84 -6.68
CA GLY B 118 14.60 17.59 -5.50
C GLY B 118 15.35 17.86 -4.20
N LYS B 119 16.67 17.88 -4.26
CA LYS B 119 17.50 18.10 -3.09
C LYS B 119 17.41 19.54 -2.57
N CYS B 120 16.92 20.45 -3.40
CA CYS B 120 16.79 21.85 -3.00
C CYS B 120 15.53 22.07 -2.16
N VAL B 121 14.85 20.98 -1.82
CA VAL B 121 13.72 21.00 -0.90
C VAL B 121 13.88 19.89 0.13
N GLU B 122 13.64 20.20 1.40
CA GLU B 122 13.81 19.25 2.49
C GLU B 122 12.95 18.00 2.34
N GLY B 123 13.57 16.84 2.56
CA GLY B 123 12.86 15.56 2.51
C GLY B 123 12.23 15.20 1.18
N MET B 124 12.55 15.98 0.15
CA MET B 124 11.97 15.78 -1.18
C MET B 124 12.71 14.70 -1.95
N VAL B 125 13.99 14.52 -1.62
CA VAL B 125 14.86 13.54 -2.29
C VAL B 125 14.31 12.13 -2.17
N GLU B 126 13.86 11.78 -0.97
CA GLU B 126 13.36 10.44 -0.69
C GLU B 126 12.17 10.09 -1.58
N ILE B 127 11.21 11.01 -1.66
CA ILE B 127 10.03 10.81 -2.48
C ILE B 127 10.41 10.74 -3.96
N PHE B 128 11.39 11.53 -4.36
CA PHE B 128 11.87 11.53 -5.74
C PHE B 128 12.45 10.17 -6.14
N ASP B 129 13.36 9.65 -5.32
CA ASP B 129 13.97 8.35 -5.59
C ASP B 129 12.93 7.24 -5.64
N MET B 130 11.92 7.33 -4.78
CA MET B 130 10.87 6.33 -4.75
C MET B 130 10.02 6.39 -6.03
N LEU B 131 9.76 7.61 -6.50
CA LEU B 131 9.04 7.81 -7.74
C LEU B 131 9.87 7.33 -8.93
N LEU B 132 11.15 7.70 -8.95
CA LEU B 132 12.07 7.24 -9.98
C LEU B 132 12.13 5.72 -10.06
N ALA B 133 12.14 5.08 -8.88
CA ALA B 133 12.20 3.63 -8.80
C ALA B 133 10.94 2.98 -9.34
N THR B 134 9.80 3.60 -9.05
CA THR B 134 8.51 3.10 -9.54
C THR B 134 8.48 3.17 -11.05
N SER B 135 8.98 4.26 -11.60
CA SER B 135 9.02 4.45 -13.04
C SER B 135 9.96 3.44 -13.69
N SER B 136 11.10 3.23 -13.05
CA SER B 136 12.06 2.24 -13.53
C SER B 136 11.45 0.84 -13.49
N ARG B 137 10.61 0.60 -12.49
CA ARG B 137 9.93 -0.67 -12.36
C ARG B 137 8.92 -0.85 -13.50
N PHE B 138 8.17 0.21 -13.80
CA PHE B 138 7.25 0.18 -14.92
C PHE B 138 7.98 -0.08 -16.23
N ARG B 139 9.12 0.58 -16.40
CA ARG B 139 9.94 0.44 -17.60
C ARG B 139 10.42 -1.00 -17.77
N MET B 140 10.91 -1.58 -16.68
CA MET B 140 11.38 -2.96 -16.65
C MET B 140 10.27 -3.93 -17.04
N MET B 141 9.08 -3.70 -16.51
CA MET B 141 7.91 -4.54 -16.79
C MET B 141 7.33 -4.31 -18.17
N ASN B 142 7.77 -3.24 -18.82
CA ASN B 142 7.20 -2.81 -20.09
C ASN B 142 5.69 -2.65 -19.97
N LEU B 143 5.27 -1.83 -19.01
CA LEU B 143 3.86 -1.57 -18.74
C LEU B 143 3.15 -0.96 -19.95
N GLN B 144 1.95 -1.46 -20.26
CA GLN B 144 1.18 -0.93 -21.37
C GLN B 144 0.18 0.11 -20.89
N GLY B 145 -0.25 0.99 -21.80
CA GLY B 145 -1.21 2.02 -21.47
C GLY B 145 -2.52 1.43 -20.98
N GLU B 146 -2.92 0.32 -21.59
CA GLU B 146 -4.15 -0.37 -21.22
C GLU B 146 -4.09 -0.90 -19.79
N GLU B 147 -2.91 -1.37 -19.39
CA GLU B 147 -2.71 -1.84 -18.03
C GLU B 147 -2.67 -0.66 -17.07
N PHE B 148 -2.06 0.43 -17.52
CA PHE B 148 -1.94 1.64 -16.70
C PHE B 148 -3.30 2.20 -16.31
N VAL B 149 -4.17 2.45 -17.30
CA VAL B 149 -5.49 3.00 -17.04
C VAL B 149 -6.34 2.07 -16.17
N CYS B 150 -5.97 0.79 -16.13
CA CYS B 150 -6.64 -0.19 -15.27
C CYS B 150 -6.22 -0.01 -13.82
N LEU B 151 -4.91 0.08 -13.61
CA LEU B 151 -4.35 0.28 -12.27
C LEU B 151 -4.84 1.57 -11.65
N LYS B 152 -4.84 2.64 -12.46
CA LYS B 152 -5.25 3.96 -12.01
C LYS B 152 -6.68 3.93 -11.49
N SER B 153 -7.55 3.26 -12.21
CA SER B 153 -8.95 3.14 -11.81
C SER B 153 -9.11 2.20 -10.61
N ILE B 154 -8.23 1.21 -10.50
CA ILE B 154 -8.23 0.32 -9.33
C ILE B 154 -7.89 1.13 -8.08
N ILE B 155 -6.86 1.96 -8.18
CA ILE B 155 -6.46 2.84 -7.09
C ILE B 155 -7.63 3.71 -6.60
N LEU B 156 -8.35 4.30 -7.53
CA LEU B 156 -9.51 5.13 -7.22
C LEU B 156 -10.57 4.40 -6.40
N LEU B 157 -10.83 3.15 -6.78
CA LEU B 157 -11.90 2.38 -6.14
C LEU B 157 -11.44 1.65 -4.88
N ASN B 158 -10.15 1.38 -4.78
CA ASN B 158 -9.62 0.58 -3.69
C ASN B 158 -9.10 1.38 -2.50
N SER B 159 -8.50 2.53 -2.76
CA SER B 159 -7.75 3.25 -1.73
C SER B 159 -8.58 3.75 -0.54
N GLY B 160 -9.89 3.84 -0.71
CA GLY B 160 -10.74 4.35 0.34
C GLY B 160 -11.99 3.53 0.59
N VAL B 161 -12.00 2.31 0.06
CA VAL B 161 -13.17 1.45 0.18
C VAL B 161 -13.29 0.85 1.60
N TYR B 162 -12.25 1.02 2.42
CA TYR B 162 -12.29 0.51 3.80
C TYR B 162 -12.47 1.64 4.82
N THR B 163 -13.05 2.75 4.38
CA THR B 163 -13.29 3.88 5.29
C THR B 163 -14.58 4.61 4.93
N GLU B 173 -25.18 -2.45 1.16
CA GLU B 173 -25.39 -2.95 -0.19
C GLU B 173 -24.48 -2.26 -1.20
N GLU B 174 -23.84 -1.17 -0.77
CA GLU B 174 -23.03 -0.35 -1.67
C GLU B 174 -21.62 -0.85 -1.86
N LYS B 175 -20.95 -1.19 -0.76
CA LYS B 175 -19.54 -1.58 -0.80
C LYS B 175 -19.30 -2.81 -1.67
N ASP B 176 -20.35 -3.60 -1.89
CA ASP B 176 -20.25 -4.78 -2.72
C ASP B 176 -20.17 -4.40 -4.20
N HIS B 177 -20.73 -3.25 -4.55
CA HIS B 177 -20.68 -2.78 -5.92
C HIS B 177 -19.24 -2.49 -6.35
N ILE B 178 -18.50 -1.81 -5.48
CA ILE B 178 -17.09 -1.52 -5.72
C ILE B 178 -16.28 -2.79 -5.91
N HIS B 179 -16.54 -3.78 -5.07
CA HIS B 179 -15.86 -5.07 -5.18
C HIS B 179 -16.22 -5.77 -6.49
N ARG B 180 -17.47 -5.62 -6.91
CA ARG B 180 -17.91 -6.21 -8.18
C ARG B 180 -17.21 -5.55 -9.36
N VAL B 181 -16.99 -4.24 -9.27
CA VAL B 181 -16.31 -3.50 -10.32
C VAL B 181 -14.81 -3.79 -10.30
N LEU B 182 -14.25 -3.88 -9.10
CA LEU B 182 -12.83 -4.20 -8.93
C LEU B 182 -12.49 -5.55 -9.57
N ASP B 183 -13.33 -6.55 -9.34
CA ASP B 183 -13.16 -7.85 -9.96
C ASP B 183 -13.30 -7.78 -11.48
N LYS B 184 -14.13 -6.85 -11.95
CA LYS B 184 -14.31 -6.66 -13.38
C LYS B 184 -13.03 -6.15 -14.03
N ILE B 185 -12.37 -5.20 -13.36
CA ILE B 185 -11.12 -4.64 -13.87
C ILE B 185 -10.01 -5.69 -13.83
N THR B 186 -10.10 -6.59 -12.85
CA THR B 186 -9.15 -7.68 -12.74
C THR B 186 -9.25 -8.61 -13.95
N ASP B 187 -10.48 -9.00 -14.28
CA ASP B 187 -10.73 -9.80 -15.47
C ASP B 187 -10.21 -9.08 -16.71
N THR B 188 -10.38 -7.76 -16.75
CA THR B 188 -9.91 -6.96 -17.86
C THR B 188 -8.39 -7.06 -18.01
N LEU B 189 -7.69 -6.84 -16.90
CA LEU B 189 -6.24 -6.99 -16.87
C LEU B 189 -5.77 -8.34 -17.39
N ILE B 190 -6.41 -9.41 -16.90
CA ILE B 190 -6.09 -10.76 -17.33
C ILE B 190 -6.37 -10.93 -18.82
N HIS B 191 -7.48 -10.37 -19.27
CA HIS B 191 -7.85 -10.42 -20.69
C HIS B 191 -6.79 -9.76 -21.56
N LEU B 192 -6.30 -8.62 -21.12
CA LEU B 192 -5.22 -7.92 -21.80
C LEU B 192 -3.98 -8.80 -21.90
N MET B 193 -3.61 -9.45 -20.80
CA MET B 193 -2.40 -10.26 -20.77
C MET B 193 -2.53 -11.54 -21.59
N ALA B 194 -3.70 -12.15 -21.55
CA ALA B 194 -3.98 -13.33 -22.37
C ALA B 194 -3.93 -12.99 -23.85
N LYS B 195 -4.30 -11.76 -24.18
CA LYS B 195 -4.27 -11.29 -25.56
C LYS B 195 -2.83 -11.05 -26.01
N ALA B 196 -1.96 -10.71 -25.05
CA ALA B 196 -0.56 -10.43 -25.35
C ALA B 196 0.27 -11.71 -25.49
N GLY B 197 -0.39 -12.86 -25.37
CA GLY B 197 0.27 -14.14 -25.54
C GLY B 197 0.91 -14.72 -24.29
N LEU B 198 0.68 -14.07 -23.15
CA LEU B 198 1.25 -14.56 -21.90
C LEU B 198 0.61 -15.87 -21.45
N THR B 199 1.43 -16.80 -20.96
CA THR B 199 0.90 -18.05 -20.41
C THR B 199 0.11 -17.76 -19.14
N LEU B 200 -0.72 -18.72 -18.76
CA LEU B 200 -1.58 -18.56 -17.60
C LEU B 200 -0.77 -18.32 -16.33
N GLN B 201 0.40 -18.95 -16.24
CA GLN B 201 1.32 -18.70 -15.13
C GLN B 201 1.86 -17.28 -15.19
N GLN B 202 2.20 -16.83 -16.40
CA GLN B 202 2.72 -15.48 -16.62
C GLN B 202 1.66 -14.42 -16.34
N GLN B 203 0.41 -14.77 -16.60
CA GLN B 203 -0.70 -13.85 -16.34
C GLN B 203 -0.86 -13.59 -14.85
N HIS B 204 -0.86 -14.66 -14.06
CA HIS B 204 -0.97 -14.56 -12.61
C HIS B 204 0.18 -13.74 -12.03
N GLN B 205 1.39 -14.05 -12.46
CA GLN B 205 2.58 -13.42 -11.92
C GLN B 205 2.61 -11.93 -12.22
N ARG B 206 2.36 -11.57 -13.47
CA ARG B 206 2.35 -10.18 -13.87
C ARG B 206 1.26 -9.41 -13.16
N LEU B 207 0.08 -10.01 -13.04
CA LEU B 207 -1.02 -9.42 -12.29
C LEU B 207 -0.58 -9.08 -10.87
N ALA B 208 0.06 -10.04 -10.22
CA ALA B 208 0.60 -9.84 -8.87
C ALA B 208 1.61 -8.69 -8.83
N GLN B 209 2.55 -8.71 -9.76
CA GLN B 209 3.61 -7.71 -9.83
C GLN B 209 3.03 -6.31 -9.95
N LEU B 210 1.99 -6.18 -10.77
CA LEU B 210 1.33 -4.89 -10.97
C LEU B 210 0.64 -4.40 -9.71
N LEU B 211 -0.14 -5.28 -9.08
CA LEU B 211 -0.91 -4.89 -7.91
C LEU B 211 -0.01 -4.61 -6.71
N LEU B 212 1.14 -5.29 -6.67
CA LEU B 212 2.10 -5.04 -5.60
C LEU B 212 2.70 -3.65 -5.70
N ILE B 213 2.75 -3.09 -6.91
CA ILE B 213 3.23 -1.70 -7.09
C ILE B 213 2.36 -0.73 -6.32
N LEU B 214 1.05 -0.99 -6.31
CA LEU B 214 0.08 -0.11 -5.67
C LEU B 214 0.36 0.05 -4.18
N SER B 215 1.05 -0.93 -3.61
CA SER B 215 1.43 -0.83 -2.20
C SER B 215 2.47 0.26 -2.03
N HIS B 216 3.39 0.36 -2.99
CA HIS B 216 4.43 1.36 -2.95
C HIS B 216 3.88 2.75 -3.29
N ILE B 217 2.97 2.79 -4.25
CA ILE B 217 2.30 4.04 -4.61
C ILE B 217 1.52 4.59 -3.42
N ARG B 218 0.89 3.70 -2.67
CA ARG B 218 0.23 4.10 -1.42
C ARG B 218 1.24 4.67 -0.45
N HIS B 219 2.40 4.03 -0.38
CA HIS B 219 3.45 4.45 0.53
C HIS B 219 3.97 5.83 0.15
N MET B 220 4.23 6.03 -1.14
CA MET B 220 4.72 7.31 -1.62
C MET B 220 3.70 8.41 -1.35
N SER B 221 2.43 8.09 -1.56
CA SER B 221 1.34 9.01 -1.30
C SER B 221 1.33 9.48 0.14
N ASN B 222 1.35 8.52 1.08
CA ASN B 222 1.32 8.83 2.50
C ASN B 222 2.48 9.72 2.92
N LYS B 223 3.67 9.41 2.41
CA LYS B 223 4.85 10.22 2.67
C LYS B 223 4.68 11.61 2.08
N GLY B 224 4.08 11.68 0.90
CA GLY B 224 3.80 12.94 0.25
C GLY B 224 2.87 13.80 1.07
N MET B 225 1.81 13.20 1.60
CA MET B 225 0.87 13.89 2.47
C MET B 225 1.56 14.53 3.66
N GLU B 226 2.43 13.76 4.33
CA GLU B 226 3.21 14.25 5.46
C GLU B 226 4.00 15.50 5.06
N HIS B 227 4.68 15.43 3.91
CA HIS B 227 5.49 16.53 3.43
C HIS B 227 4.63 17.76 3.14
N LEU B 228 3.50 17.55 2.49
CA LEU B 228 2.58 18.64 2.17
C LEU B 228 1.99 19.26 3.44
N TYR B 229 1.67 18.41 4.41
CA TYR B 229 1.15 18.87 5.69
C TYR B 229 2.21 19.65 6.46
N SER B 230 3.48 19.34 6.17
CA SER B 230 4.60 20.02 6.81
C SER B 230 4.76 21.45 6.32
N MET B 231 4.97 21.61 5.01
CA MET B 231 5.20 22.94 4.43
C MET B 231 3.93 23.78 4.39
N LYS B 232 2.79 23.14 4.66
CA LYS B 232 1.52 23.86 4.80
C LYS B 232 1.60 24.85 5.95
N CYS B 233 1.71 24.32 7.16
CA CYS B 233 1.86 25.15 8.36
C CYS B 233 3.29 25.67 8.47
N LYS B 234 3.82 26.13 7.34
CA LYS B 234 5.18 26.66 7.26
C LYS B 234 5.29 27.58 6.05
N ASN B 235 4.19 27.69 5.30
CA ASN B 235 4.09 28.55 4.12
C ASN B 235 5.18 28.27 3.10
N PRO B 238 2.09 28.46 -0.69
CA PRO B 238 0.66 28.66 -0.39
C PRO B 238 -0.23 27.73 -1.21
N LEU B 239 -0.77 26.71 -0.55
CA LEU B 239 -1.63 25.72 -1.20
C LEU B 239 -2.95 26.33 -1.66
N SER B 240 -3.51 25.76 -2.72
CA SER B 240 -4.79 26.22 -3.25
C SER B 240 -5.96 25.74 -2.39
N ASP B 241 -7.09 26.42 -2.50
CA ASP B 241 -8.25 26.13 -1.66
C ASP B 241 -8.80 24.71 -1.88
N LEU B 242 -8.62 24.18 -3.08
CA LEU B 242 -9.04 22.82 -3.36
C LEU B 242 -8.03 21.83 -2.76
N LEU B 243 -6.75 22.15 -2.91
CA LEU B 243 -5.68 21.27 -2.43
C LEU B 243 -5.64 21.24 -0.91
N LEU B 244 -6.18 22.29 -0.28
CA LEU B 244 -6.29 22.35 1.18
C LEU B 244 -7.38 21.42 1.69
N GLU B 245 -8.52 21.42 0.99
CA GLU B 245 -9.64 20.55 1.35
C GLU B 245 -9.26 19.09 1.19
N MET B 246 -8.46 18.79 0.17
CA MET B 246 -7.97 17.43 -0.06
C MET B 246 -7.01 17.02 1.04
N LEU B 247 -6.29 17.99 1.59
CA LEU B 247 -5.28 17.74 2.60
C LEU B 247 -5.88 17.61 4.00
N ASP B 248 -6.92 18.40 4.27
CA ASP B 248 -7.61 18.33 5.55
C ASP B 248 -8.47 17.07 5.66
N ALA B 249 -8.49 16.29 4.58
CA ALA B 249 -9.24 15.04 4.55
C ALA B 249 -8.39 13.86 5.02
N HIS B 250 -7.21 14.16 5.54
CA HIS B 250 -6.31 13.12 6.05
C HIS B 250 -5.90 13.39 7.49
N ARG B 251 -4.91 14.26 7.68
CA ARG B 251 -4.43 14.61 9.01
C ARG B 251 -3.63 15.91 8.98
N HIS C 2 26.92 0.30 14.45
CA HIS C 2 25.84 -0.51 13.88
C HIS C 2 24.61 -0.51 14.78
N LYS C 3 23.69 -1.43 14.50
CA LYS C 3 22.41 -1.48 15.22
C LYS C 3 22.13 -2.86 15.82
N ILE C 4 21.10 -2.91 16.66
CA ILE C 4 20.68 -4.14 17.32
C ILE C 4 20.21 -5.19 16.32
N LEU C 5 19.50 -4.73 15.29
CA LEU C 5 18.92 -5.59 14.27
C LEU C 5 19.99 -6.41 13.55
N HIS C 6 21.20 -5.85 13.43
CA HIS C 6 22.32 -6.58 12.82
C HIS C 6 22.67 -7.80 13.65
N ARG C 7 22.70 -7.63 14.97
CA ARG C 7 23.08 -8.70 15.88
C ARG C 7 22.03 -9.80 15.92
N LEU C 8 20.77 -9.42 15.99
CA LEU C 8 19.68 -10.38 16.11
C LEU C 8 19.53 -11.21 14.84
N LEU C 9 19.98 -10.65 13.73
CA LEU C 9 19.92 -11.34 12.44
C LEU C 9 21.10 -12.28 12.24
N GLN C 10 22.15 -12.13 13.06
CA GLN C 10 23.32 -13.00 12.99
C GLN C 10 23.30 -14.06 14.10
N ASP C 11 22.74 -13.70 15.24
CA ASP C 11 22.67 -14.60 16.39
C ASP C 11 21.47 -15.54 16.29
N LYS D 3 -18.02 22.70 0.24
CA LYS D 3 -16.94 21.85 -0.24
C LYS D 3 -16.75 21.99 -1.75
N ILE D 4 -15.52 22.29 -2.15
CA ILE D 4 -15.20 22.47 -3.57
C ILE D 4 -15.37 21.16 -4.33
N LEU D 5 -14.94 20.06 -3.71
CA LEU D 5 -14.97 18.75 -4.33
C LEU D 5 -16.39 18.31 -4.66
N HIS D 6 -17.31 18.53 -3.72
CA HIS D 6 -18.71 18.17 -3.92
C HIS D 6 -19.32 18.99 -5.06
N ARG D 7 -18.87 20.23 -5.19
CA ARG D 7 -19.36 21.12 -6.25
C ARG D 7 -18.89 20.65 -7.63
N LEU D 8 -17.59 20.40 -7.75
CA LEU D 8 -17.02 20.00 -9.03
C LEU D 8 -17.50 18.62 -9.47
N LEU D 9 -17.94 17.83 -8.50
CA LEU D 9 -18.46 16.49 -8.78
C LEU D 9 -19.89 16.54 -9.33
N GLN D 10 -20.46 17.74 -9.37
CA GLN D 10 -21.80 17.92 -9.90
C GLN D 10 -21.80 18.79 -11.16
N ASP D 11 -20.82 19.68 -11.25
CA ASP D 11 -20.65 20.51 -12.44
C ASP D 11 -19.94 19.72 -13.54
O01 5G3 E . 4.93 0.54 20.57
C02 5G3 E . 3.92 -0.11 19.82
C03 5G3 E . 2.61 -0.06 20.24
C04 5G3 E . 1.62 -0.71 19.50
C05 5G3 E . 1.95 -1.39 18.33
C06 5G3 E . 0.85 -2.08 17.52
C07 5G3 E . 0.86 -3.60 17.50
C08 5G3 E . 1.61 -4.27 18.46
C09 5G3 E . 1.65 -5.65 18.50
C10 5G3 E . 0.93 -6.39 17.58
O11 5G3 E . 0.96 -7.79 17.60
C12 5G3 E . 0.17 -5.73 16.62
C13 5G3 E . 0.14 -4.35 16.58
O14 5G3 E . -0.65 -3.73 15.58
N15 5G3 E . 0.12 -1.41 16.66
C16 5G3 E . -0.02 0.00 16.63
C17 5G3 E . -1.28 0.58 16.81
CL1 5G3 E . -2.68 -0.42 17.07
C19 5G3 E . -1.43 1.95 16.77
C20 5G3 E . -0.32 2.77 16.56
C21 5G3 E . 0.93 2.20 16.39
C22 5G3 E . 1.08 0.83 16.42
C23 5G3 E . 3.27 -1.42 17.91
C24 5G3 E . 4.26 -0.79 18.66
O01 5G3 F . 1.34 20.69 -3.71
C02 5G3 F . 1.84 19.58 -4.40
C03 5G3 F . 3.17 19.52 -4.76
C04 5G3 F . 3.66 18.41 -5.46
C05 5G3 F . 2.81 17.37 -5.78
C06 5G3 F . 3.34 16.16 -6.53
C07 5G3 F . 2.79 15.87 -7.92
C08 5G3 F . 2.16 16.90 -8.60
C09 5G3 F . 1.62 16.70 -9.86
C10 5G3 F . 1.73 15.46 -10.46
O11 5G3 F . 1.21 15.25 -11.75
C12 5G3 F . 2.37 14.43 -9.79
C13 5G3 F . 2.90 14.62 -8.53
O14 5G3 F . 3.53 13.54 -7.90
N15 5G3 F . 3.92 15.18 -5.85
C16 5G3 F . 4.47 15.31 -4.55
C17 5G3 F . 5.84 15.22 -4.37
CL1 5G3 F . 6.89 14.96 -5.74
C19 5G3 F . 6.39 15.36 -3.10
C20 5G3 F . 5.57 15.57 -2.00
C21 5G3 F . 4.20 15.65 -2.17
C22 5G3 F . 3.65 15.51 -3.44
C23 5G3 F . 1.47 17.43 -5.41
C24 5G3 F . 0.99 18.53 -4.73
#